data_3VO1
#
_entry.id   3VO1
#
_cell.length_a   49.432
_cell.length_b   72.512
_cell.length_c   90.407
_cell.angle_alpha   90.00
_cell.angle_beta   99.71
_cell.angle_gamma   90.00
#
_symmetry.space_group_name_H-M   'P 1 21 1'
#
loop_
_entity.id
_entity.type
_entity.pdbx_description
1 polymer 'Ferredoxin--NADP reductase, chloroplastic'
2 non-polymer 'FLAVIN-ADENINE DINUCLEOTIDE'
3 water water
#
_entity_poly.entity_id   1
_entity_poly.type   'polypeptide(L)'
_entity_poly.pdbx_seq_one_letter_code
;MVSTTETAEAEPVKKLEKVSKKQEEGLVTNKYKPKEPYVGRCLLNTRITGDQAPGETWHMVFSTEGEVPYREGQSIGVIA
DGEDKNGKPHKLRLYSIASSALGDFGDSKTVSLCVKRLVYTNDQGEVVKGVCSNFLCDLKPGAEVKITGPVGKEMLMPKD
PNATIIMLATGTGIAPFRSFLWKMFFEEHEDYKYTGLAWLFLGVPTSDTLLYKEELEKMKEMAPDNFRLDFAVSREQTNA
AGEKMYIQTRMAEYKEELWELLKKDNTYVYMCGLKGMEKGIDDIMLDLAAKDGINWLDYKKQLKKSEQWNVEVY
;
_entity_poly.pdbx_strand_id   A,B
#
loop_
_chem_comp.id
_chem_comp.type
_chem_comp.name
_chem_comp.formula
FAD non-polymer 'FLAVIN-ADENINE DINUCLEOTIDE' 'C27 H33 N9 O15 P2'
#
# COMPACT_ATOMS: atom_id res chain seq x y z
N SER A 20 -19.72 6.69 24.79
CA SER A 20 -19.32 7.57 23.65
C SER A 20 -19.74 6.96 22.30
N LYS A 21 -19.93 7.83 21.31
CA LYS A 21 -20.31 7.40 19.98
C LYS A 21 -19.06 7.27 19.12
N LYS A 22 -17.90 7.52 19.70
CA LYS A 22 -16.63 7.46 18.99
C LYS A 22 -15.78 6.22 19.29
N GLN A 23 -14.82 5.93 18.41
CA GLN A 23 -13.94 4.78 18.55
C GLN A 23 -12.87 5.07 19.60
N GLU A 24 -13.32 4.93 20.85
CA GLU A 24 -12.54 5.21 22.04
C GLU A 24 -12.01 3.95 22.74
N GLU A 25 -12.41 2.78 22.26
CA GLU A 25 -11.98 1.51 22.85
C GLU A 25 -10.47 1.33 22.84
N GLY A 26 -9.89 1.15 24.03
CA GLY A 26 -8.46 0.95 24.12
C GLY A 26 -7.62 2.17 23.77
N LEU A 27 -8.26 3.34 23.80
CA LEU A 27 -7.58 4.59 23.47
C LEU A 27 -6.27 4.79 24.23
N VAL A 28 -5.26 5.30 23.52
CA VAL A 28 -3.97 5.57 24.15
C VAL A 28 -3.60 7.03 23.99
N THR A 29 -3.16 7.65 25.08
CA THR A 29 -2.73 9.04 25.05
C THR A 29 -1.42 9.19 25.81
N ASN A 30 -0.51 9.97 25.25
CA ASN A 30 0.78 10.24 25.86
C ASN A 30 1.59 9.05 26.39
N LYS A 31 1.73 8.00 25.60
CA LYS A 31 2.54 6.86 26.03
C LYS A 31 3.96 7.45 26.11
N TYR A 32 4.25 8.35 25.18
CA TYR A 32 5.55 9.01 25.13
C TYR A 32 5.40 10.48 25.52
N LYS A 33 6.28 10.95 26.41
CA LYS A 33 6.26 12.33 26.88
C LYS A 33 7.52 13.06 26.44
N PRO A 34 7.54 14.40 26.56
CA PRO A 34 8.72 15.17 26.15
C PRO A 34 10.01 14.74 26.85
N LYS A 35 9.91 14.33 28.11
CA LYS A 35 11.08 13.89 28.88
C LYS A 35 11.73 12.65 28.27
N GLU A 36 10.94 11.82 27.60
CA GLU A 36 11.46 10.63 26.95
C GLU A 36 10.53 10.27 25.79
N PRO A 37 10.71 10.94 24.65
CA PRO A 37 9.87 10.69 23.48
C PRO A 37 10.28 9.45 22.71
N TYR A 38 9.47 9.08 21.73
CA TYR A 38 9.81 7.94 20.90
C TYR A 38 10.67 8.56 19.80
N VAL A 39 11.72 7.84 19.41
CA VAL A 39 12.59 8.35 18.37
C VAL A 39 12.39 7.51 17.12
N GLY A 40 11.70 8.06 16.14
CA GLY A 40 11.46 7.33 14.91
C GLY A 40 12.45 7.79 13.85
N ARG A 41 12.31 7.27 12.65
CA ARG A 41 13.17 7.65 11.55
C ARG A 41 12.36 7.97 10.31
N CYS A 42 12.79 9.00 9.59
CA CYS A 42 12.08 9.37 8.39
C CYS A 42 12.29 8.27 7.35
N LEU A 43 11.20 7.76 6.80
CA LEU A 43 11.24 6.73 5.78
C LEU A 43 11.04 7.37 4.41
N LEU A 44 10.20 8.39 4.36
CA LEU A 44 9.91 9.12 3.13
C LEU A 44 9.47 10.53 3.46
N ASN A 45 9.88 11.48 2.62
CA ASN A 45 9.47 12.87 2.78
C ASN A 45 9.25 13.42 1.38
N THR A 46 8.03 13.83 1.09
CA THR A 46 7.68 14.30 -0.24
C THR A 46 6.84 15.57 -0.22
N ARG A 47 7.21 16.54 -1.05
CA ARG A 47 6.46 17.78 -1.14
C ARG A 47 5.22 17.48 -1.96
N ILE A 48 4.05 17.78 -1.39
CA ILE A 48 2.81 17.49 -2.08
C ILE A 48 2.14 18.70 -2.71
N THR A 49 2.83 19.83 -2.70
CA THR A 49 2.28 21.04 -3.31
C THR A 49 3.07 21.32 -4.59
N GLY A 50 2.39 21.89 -5.58
CA GLY A 50 3.03 22.19 -6.85
C GLY A 50 4.14 23.22 -6.73
N ASP A 51 4.92 23.35 -7.80
CA ASP A 51 6.04 24.28 -7.85
C ASP A 51 5.54 25.72 -7.85
N GLN A 52 4.37 25.94 -8.42
CA GLN A 52 3.78 27.28 -8.50
C GLN A 52 3.08 27.66 -7.19
N ALA A 53 2.97 26.71 -6.27
CA ALA A 53 2.32 26.95 -4.99
C ALA A 53 3.04 28.03 -4.20
N PRO A 54 2.27 28.94 -3.57
CA PRO A 54 2.85 30.03 -2.77
C PRO A 54 3.52 29.53 -1.50
N GLY A 55 3.03 28.39 -0.99
CA GLY A 55 3.60 27.82 0.22
C GLY A 55 3.87 26.33 0.01
N GLU A 56 4.78 25.76 0.80
CA GLU A 56 5.11 24.35 0.69
C GLU A 56 4.47 23.47 1.77
N THR A 57 3.93 22.33 1.35
CA THR A 57 3.35 21.36 2.28
C THR A 57 3.97 20.01 1.92
N TRP A 58 4.47 19.32 2.93
CA TRP A 58 5.13 18.02 2.74
C TRP A 58 4.41 16.85 3.43
N HIS A 59 4.45 15.69 2.78
CA HIS A 59 3.87 14.47 3.34
C HIS A 59 5.05 13.59 3.74
N MET A 60 5.16 13.30 5.03
CA MET A 60 6.27 12.48 5.50
C MET A 60 5.82 11.24 6.28
N VAL A 61 6.59 10.16 6.11
CA VAL A 61 6.32 8.89 6.77
C VAL A 61 7.45 8.51 7.72
N PHE A 62 7.13 8.32 9.01
CA PHE A 62 8.13 7.95 10.00
C PHE A 62 7.93 6.49 10.44
N SER A 63 9.02 5.80 10.77
CA SER A 63 8.92 4.42 11.24
C SER A 63 8.58 4.49 12.73
N THR A 64 7.82 3.51 13.23
CA THR A 64 7.45 3.50 14.64
C THR A 64 7.67 2.13 15.27
N GLU A 65 8.05 1.15 14.46
CA GLU A 65 8.29 -0.22 14.94
C GLU A 65 7.01 -0.80 15.53
N GLY A 66 5.90 -0.10 15.32
CA GLY A 66 4.63 -0.54 15.86
C GLY A 66 4.53 -0.20 17.34
N GLU A 67 5.35 0.74 17.78
CA GLU A 67 5.40 1.16 19.19
C GLU A 67 4.45 2.31 19.54
N VAL A 68 3.96 3.04 18.55
CA VAL A 68 3.06 4.17 18.78
C VAL A 68 1.63 3.76 18.42
N PRO A 69 0.82 3.42 19.43
CA PRO A 69 -0.57 2.98 19.26
C PRO A 69 -1.61 4.07 19.03
N TYR A 70 -1.47 4.80 17.94
CA TYR A 70 -2.40 5.89 17.63
C TYR A 70 -3.56 5.36 16.79
N ARG A 71 -4.62 6.15 16.71
CA ARG A 71 -5.76 5.78 15.89
C ARG A 71 -6.27 7.00 15.13
N GLU A 72 -7.12 6.75 14.14
CA GLU A 72 -7.67 7.79 13.30
C GLU A 72 -8.20 9.00 14.09
N GLY A 73 -7.73 10.18 13.74
CA GLY A 73 -8.19 11.39 14.43
C GLY A 73 -7.21 11.94 15.46
N GLN A 74 -6.26 11.13 15.92
CA GLN A 74 -5.30 11.62 16.91
C GLN A 74 -4.14 12.40 16.32
N SER A 75 -3.36 13.02 17.21
CA SER A 75 -2.19 13.81 16.82
C SER A 75 -0.95 13.29 17.54
N ILE A 76 0.21 13.71 17.07
CA ILE A 76 1.45 13.38 17.77
C ILE A 76 2.19 14.69 17.94
N GLY A 77 3.02 14.74 18.97
CA GLY A 77 3.80 15.93 19.19
C GLY A 77 5.16 15.65 18.59
N VAL A 78 5.80 16.69 18.05
CA VAL A 78 7.12 16.55 17.49
C VAL A 78 8.03 17.55 18.18
N ILE A 79 9.18 17.07 18.64
CA ILE A 79 10.16 17.92 19.30
C ILE A 79 11.30 18.12 18.33
N ALA A 80 11.35 19.30 17.69
CA ALA A 80 12.39 19.61 16.74
C ALA A 80 13.77 19.54 17.38
N ASP A 81 14.78 19.19 16.59
CA ASP A 81 16.15 19.10 17.08
C ASP A 81 16.65 20.50 17.42
N GLY A 82 17.63 20.57 18.32
CA GLY A 82 18.18 21.85 18.71
C GLY A 82 17.75 22.30 20.09
N GLU A 83 18.00 23.57 20.40
CA GLU A 83 17.63 24.14 21.70
C GLU A 83 17.01 25.51 21.47
N ASP A 84 16.26 25.98 22.46
CA ASP A 84 15.64 27.31 22.35
C ASP A 84 16.68 28.33 22.82
N LYS A 85 16.27 29.58 22.97
CA LYS A 85 17.20 30.61 23.39
C LYS A 85 17.78 30.38 24.80
N ASN A 86 17.17 29.47 25.55
CA ASN A 86 17.63 29.17 26.90
C ASN A 86 18.40 27.86 27.02
N GLY A 87 18.69 27.24 25.88
CA GLY A 87 19.43 25.99 25.90
C GLY A 87 18.58 24.76 26.16
N LYS A 88 17.27 24.96 26.35
CA LYS A 88 16.37 23.83 26.59
C LYS A 88 15.84 23.26 25.28
N PRO A 89 15.39 22.00 25.31
CA PRO A 89 14.86 21.37 24.09
C PRO A 89 13.62 22.15 23.66
N HIS A 90 13.36 22.19 22.35
CA HIS A 90 12.20 22.91 21.86
C HIS A 90 10.90 22.32 22.37
N LYS A 91 9.92 23.18 22.60
CA LYS A 91 8.61 22.73 23.06
C LYS A 91 8.00 21.95 21.90
N LEU A 92 7.24 20.90 22.21
CA LEU A 92 6.62 20.11 21.17
C LEU A 92 5.55 20.89 20.41
N ARG A 93 5.36 20.53 19.15
CA ARG A 93 4.33 21.12 18.31
C ARG A 93 3.44 19.93 17.91
N LEU A 94 2.12 20.12 17.92
CA LEU A 94 1.21 19.05 17.55
C LEU A 94 0.89 19.01 16.05
N TYR A 95 0.76 17.80 15.52
CA TYR A 95 0.43 17.61 14.12
C TYR A 95 -0.58 16.48 13.99
N SER A 96 -1.70 16.75 13.34
CA SER A 96 -2.73 15.73 13.16
C SER A 96 -2.13 14.59 12.35
N ILE A 97 -2.42 13.36 12.76
CA ILE A 97 -1.87 12.21 12.02
C ILE A 97 -2.63 12.07 10.70
N ALA A 98 -1.87 12.01 9.61
CA ALA A 98 -2.45 11.93 8.28
C ALA A 98 -2.61 10.50 7.77
N SER A 99 -2.19 9.55 8.58
CA SER A 99 -2.28 8.15 8.19
C SER A 99 -3.28 7.42 9.06
N SER A 100 -3.85 6.33 8.53
CA SER A 100 -4.80 5.53 9.29
C SER A 100 -3.94 4.75 10.28
N ALA A 101 -4.57 4.01 11.18
CA ALA A 101 -3.84 3.22 12.17
C ALA A 101 -2.91 2.18 11.54
N LEU A 102 -3.32 1.58 10.42
CA LEU A 102 -2.48 0.59 9.75
C LEU A 102 -1.32 1.29 9.04
N GLY A 103 -1.50 2.57 8.73
CA GLY A 103 -0.45 3.33 8.08
C GLY A 103 -0.37 3.24 6.58
N ASP A 104 0.38 4.16 5.99
CA ASP A 104 0.53 4.22 4.55
C ASP A 104 1.06 2.91 3.95
N PHE A 105 1.80 2.13 4.75
CA PHE A 105 2.35 0.86 4.26
C PHE A 105 1.52 -0.35 4.68
N GLY A 106 0.38 -0.08 5.30
CA GLY A 106 -0.51 -1.15 5.75
C GLY A 106 0.04 -2.11 6.78
N ASP A 107 1.22 -1.84 7.32
CA ASP A 107 1.82 -2.76 8.30
C ASP A 107 1.74 -2.34 9.76
N SER A 108 1.09 -1.22 10.06
CA SER A 108 0.97 -0.75 11.43
C SER A 108 2.33 -0.44 12.07
N LYS A 109 3.31 -0.07 11.26
CA LYS A 109 4.64 0.25 11.79
C LYS A 109 5.14 1.62 11.36
N THR A 110 4.22 2.49 10.95
CA THR A 110 4.58 3.84 10.52
C THR A 110 3.53 4.85 10.95
N VAL A 111 3.87 6.13 10.81
CA VAL A 111 2.94 7.21 11.12
C VAL A 111 3.31 8.30 10.13
N SER A 112 2.31 8.97 9.58
CA SER A 112 2.55 10.02 8.59
C SER A 112 1.98 11.37 9.01
N LEU A 113 2.66 12.43 8.57
CA LEU A 113 2.24 13.78 8.86
C LEU A 113 2.08 14.59 7.58
N CYS A 114 1.23 15.61 7.66
CA CYS A 114 0.96 16.51 6.53
C CYS A 114 1.39 17.87 7.09
N VAL A 115 2.59 18.31 6.72
CA VAL A 115 3.15 19.55 7.28
C VAL A 115 3.33 20.75 6.35
N LYS A 116 2.79 21.88 6.78
CA LYS A 116 2.91 23.12 6.04
C LYS A 116 4.12 23.86 6.59
N ARG A 117 5.04 24.24 5.71
CA ARG A 117 6.23 24.97 6.12
C ARG A 117 5.78 26.38 6.53
N LEU A 118 5.95 26.74 7.79
CA LEU A 118 5.55 28.07 8.23
C LEU A 118 6.67 29.09 8.00
N VAL A 119 6.43 30.00 7.07
CA VAL A 119 7.39 31.05 6.76
C VAL A 119 6.62 32.30 6.39
N TYR A 120 6.85 33.39 7.12
CA TYR A 120 6.17 34.65 6.83
C TYR A 120 7.01 35.82 7.30
N THR A 121 6.70 37.00 6.80
CA THR A 121 7.41 38.21 7.17
C THR A 121 6.50 39.10 8.00
N ASN A 122 6.95 39.47 9.20
CA ASN A 122 6.13 40.32 10.04
C ASN A 122 6.13 41.76 9.53
N ASP A 123 5.40 42.64 10.21
CA ASP A 123 5.32 44.04 9.79
C ASP A 123 6.63 44.80 9.96
N GLN A 124 7.59 44.18 10.64
CA GLN A 124 8.89 44.81 10.87
C GLN A 124 9.93 44.39 9.82
N GLY A 125 9.48 43.67 8.80
CA GLY A 125 10.40 43.22 7.76
C GLY A 125 11.26 42.04 8.18
N GLU A 126 10.91 41.42 9.31
CA GLU A 126 11.67 40.29 9.81
C GLU A 126 11.04 38.96 9.38
N VAL A 127 11.83 38.11 8.74
CA VAL A 127 11.33 36.82 8.32
C VAL A 127 11.22 35.93 9.53
N VAL A 128 10.12 35.19 9.61
CA VAL A 128 9.90 34.27 10.71
C VAL A 128 9.76 32.86 10.15
N LYS A 129 10.76 32.02 10.41
CA LYS A 129 10.74 30.64 9.94
C LYS A 129 10.28 29.77 11.10
N GLY A 130 9.10 29.16 10.97
CA GLY A 130 8.62 28.31 12.05
C GLY A 130 9.65 27.26 12.38
N VAL A 131 9.94 27.08 13.66
CA VAL A 131 10.95 26.11 14.08
C VAL A 131 10.67 24.66 13.70
N CYS A 132 9.56 24.11 14.18
CA CYS A 132 9.25 22.71 13.92
C CYS A 132 8.80 22.36 12.51
N SER A 133 7.98 23.21 11.90
CA SER A 133 7.49 22.93 10.54
C SER A 133 8.64 22.86 9.54
N ASN A 134 9.61 23.76 9.67
CA ASN A 134 10.75 23.77 8.76
C ASN A 134 11.68 22.59 9.05
N PHE A 135 11.77 22.22 10.32
CA PHE A 135 12.60 21.09 10.73
C PHE A 135 12.04 19.84 10.07
N LEU A 136 10.72 19.68 10.17
CA LEU A 136 10.05 18.54 9.59
C LEU A 136 10.16 18.50 8.07
N CYS A 137 9.90 19.62 7.42
CA CYS A 137 9.98 19.66 5.96
C CYS A 137 11.39 19.49 5.44
N ASP A 138 12.39 19.76 6.27
CA ASP A 138 13.80 19.61 5.87
C ASP A 138 14.33 18.19 6.11
N LEU A 139 13.54 17.35 6.78
CA LEU A 139 13.97 15.98 7.08
C LEU A 139 14.26 15.12 5.86
N LYS A 140 15.39 14.41 5.91
CA LYS A 140 15.78 13.50 4.84
C LYS A 140 15.58 12.07 5.32
N PRO A 141 15.33 11.14 4.39
CA PRO A 141 15.14 9.74 4.78
C PRO A 141 16.34 9.30 5.61
N GLY A 142 16.08 8.62 6.72
CA GLY A 142 17.14 8.16 7.59
C GLY A 142 17.28 9.02 8.84
N ALA A 143 16.84 10.26 8.76
CA ALA A 143 16.92 11.19 9.89
C ALA A 143 15.95 10.82 11.01
N GLU A 144 16.39 11.00 12.25
CA GLU A 144 15.57 10.68 13.42
C GLU A 144 14.63 11.81 13.81
N VAL A 145 13.53 11.47 14.46
CA VAL A 145 12.55 12.47 14.87
C VAL A 145 11.99 12.13 16.25
N LYS A 146 12.00 13.11 17.14
CA LYS A 146 11.47 12.92 18.50
C LYS A 146 9.96 13.14 18.47
N ILE A 147 9.23 12.12 18.90
CA ILE A 147 7.76 12.10 18.89
C ILE A 147 7.13 11.85 20.27
N THR A 148 6.01 12.52 20.55
CA THR A 148 5.27 12.33 21.80
C THR A 148 3.82 11.98 21.45
N GLY A 149 3.08 11.48 22.42
CA GLY A 149 1.69 11.12 22.20
C GLY A 149 1.44 9.63 22.32
N PRO A 150 0.40 9.10 21.63
CA PRO A 150 -0.56 9.81 20.78
C PRO A 150 -1.28 10.88 21.58
N VAL A 151 -1.88 11.86 20.89
CA VAL A 151 -2.60 12.93 21.58
C VAL A 151 -4.03 13.14 21.11
N GLY A 152 -4.94 13.38 22.06
CA GLY A 152 -6.32 13.69 21.74
C GLY A 152 -7.40 12.65 21.57
N LYS A 153 -8.65 13.12 21.61
CA LYS A 153 -9.81 12.26 21.44
C LYS A 153 -10.99 13.01 20.82
N GLU A 154 -10.81 14.31 20.59
CA GLU A 154 -11.87 15.14 20.00
C GLU A 154 -12.24 14.72 18.59
N MET A 155 -11.26 14.29 17.79
CA MET A 155 -11.53 13.92 16.41
C MET A 155 -11.61 12.42 16.11
N LEU A 156 -11.97 11.61 17.09
CA LEU A 156 -12.09 10.17 16.85
C LEU A 156 -13.28 9.88 15.94
N MET A 157 -13.17 8.82 15.15
CA MET A 157 -14.22 8.43 14.22
C MET A 157 -15.46 7.90 14.94
N PRO A 158 -16.64 7.97 14.29
CA PRO A 158 -17.86 7.46 14.92
C PRO A 158 -17.80 5.94 14.92
N LYS A 159 -18.47 5.32 15.89
CA LYS A 159 -18.50 3.86 15.95
C LYS A 159 -19.43 3.33 14.87
N ASP A 160 -20.51 4.08 14.63
CA ASP A 160 -21.51 3.68 13.65
C ASP A 160 -20.90 3.54 12.26
N PRO A 161 -20.88 2.31 11.72
CA PRO A 161 -20.32 2.04 10.40
C PRO A 161 -21.19 2.53 9.23
N ASN A 162 -22.39 3.01 9.54
CA ASN A 162 -23.27 3.54 8.49
C ASN A 162 -23.42 5.04 8.67
N ALA A 163 -22.57 5.62 9.52
CA ALA A 163 -22.61 7.05 9.79
C ALA A 163 -22.37 7.90 8.56
N THR A 164 -23.06 9.04 8.50
CA THR A 164 -22.83 9.98 7.42
C THR A 164 -21.72 10.83 8.03
N ILE A 165 -20.57 10.87 7.39
CA ILE A 165 -19.45 11.65 7.92
C ILE A 165 -19.13 12.82 7.01
N ILE A 166 -19.42 14.02 7.51
CA ILE A 166 -19.17 15.25 6.78
C ILE A 166 -17.88 15.84 7.34
N MET A 167 -16.88 15.96 6.46
CA MET A 167 -15.57 16.48 6.84
C MET A 167 -15.28 17.82 6.17
N LEU A 168 -15.08 18.84 6.99
CA LEU A 168 -14.80 20.20 6.52
C LEU A 168 -13.36 20.55 6.84
N ALA A 169 -12.55 20.72 5.81
CA ALA A 169 -11.14 21.02 5.99
C ALA A 169 -10.57 22.18 5.17
N THR A 170 -9.55 22.83 5.73
CA THR A 170 -8.82 23.89 5.06
C THR A 170 -7.34 23.56 5.21
N GLY A 171 -6.61 23.61 4.10
CA GLY A 171 -5.18 23.32 4.15
C GLY A 171 -4.87 21.97 4.79
N THR A 172 -3.88 21.98 5.69
CA THR A 172 -3.45 20.78 6.40
C THR A 172 -4.54 20.12 7.24
N GLY A 173 -5.67 20.80 7.38
CA GLY A 173 -6.79 20.25 8.13
C GLY A 173 -7.28 18.95 7.52
N ILE A 174 -6.87 18.70 6.28
CA ILE A 174 -7.24 17.47 5.57
C ILE A 174 -6.66 16.23 6.25
N ALA A 175 -5.57 16.41 6.99
CA ALA A 175 -4.86 15.30 7.64
C ALA A 175 -5.70 14.22 8.33
N PRO A 176 -6.50 14.60 9.34
CA PRO A 176 -7.30 13.56 10.00
C PRO A 176 -8.30 12.87 9.09
N PHE A 177 -8.76 13.56 8.06
CA PHE A 177 -9.73 12.96 7.15
C PHE A 177 -9.05 12.01 6.16
N ARG A 178 -7.77 12.25 5.87
CA ARG A 178 -7.06 11.32 5.00
C ARG A 178 -6.98 10.05 5.86
N SER A 179 -6.75 10.23 7.15
CA SER A 179 -6.66 9.11 8.09
C SER A 179 -7.99 8.35 8.10
N PHE A 180 -9.09 9.09 8.27
CA PHE A 180 -10.44 8.50 8.26
C PHE A 180 -10.68 7.73 6.97
N LEU A 181 -10.52 8.41 5.84
CA LEU A 181 -10.77 7.83 4.52
C LEU A 181 -9.96 6.59 4.17
N TRP A 182 -8.74 6.49 4.68
CA TRP A 182 -7.93 5.31 4.40
C TRP A 182 -8.58 4.10 5.06
N LYS A 183 -9.01 4.26 6.31
CA LYS A 183 -9.64 3.13 7.00
C LYS A 183 -10.98 2.79 6.37
N MET A 184 -11.70 3.80 5.94
CA MET A 184 -13.01 3.59 5.34
C MET A 184 -13.01 2.98 3.95
N PHE A 185 -12.13 3.46 3.08
CA PHE A 185 -12.12 2.97 1.72
C PHE A 185 -10.90 2.21 1.19
N PHE A 186 -9.74 2.38 1.82
CA PHE A 186 -8.55 1.68 1.34
C PHE A 186 -8.21 0.41 2.11
N GLU A 187 -8.95 0.13 3.18
CA GLU A 187 -8.66 -1.04 4.00
C GLU A 187 -9.84 -1.97 4.21
N GLU A 188 -9.52 -3.20 4.59
CA GLU A 188 -10.52 -4.21 4.85
C GLU A 188 -10.51 -4.54 6.34
N HIS A 189 -11.63 -4.31 7.02
CA HIS A 189 -11.75 -4.57 8.44
C HIS A 189 -13.06 -5.33 8.64
N GLU A 190 -12.95 -6.61 8.98
CA GLU A 190 -14.14 -7.42 9.18
C GLU A 190 -15.06 -6.83 10.24
N ASP A 191 -14.46 -6.09 11.18
CA ASP A 191 -15.21 -5.48 12.27
C ASP A 191 -15.68 -4.06 11.97
N TYR A 192 -15.30 -3.54 10.81
CA TYR A 192 -15.70 -2.18 10.43
C TYR A 192 -15.82 -2.08 8.91
N LYS A 193 -17.04 -2.27 8.42
CA LYS A 193 -17.31 -2.20 6.99
C LYS A 193 -18.16 -0.96 6.81
N TYR A 194 -17.52 0.12 6.36
CA TYR A 194 -18.22 1.38 6.17
C TYR A 194 -19.24 1.35 5.03
N THR A 195 -20.48 1.70 5.34
CA THR A 195 -21.56 1.73 4.34
C THR A 195 -22.27 3.08 4.25
N GLY A 196 -21.87 4.02 5.09
CA GLY A 196 -22.51 5.33 5.07
C GLY A 196 -22.03 6.26 3.98
N LEU A 197 -22.42 7.52 4.09
CA LEU A 197 -22.01 8.56 3.13
C LEU A 197 -20.90 9.40 3.72
N ALA A 198 -19.75 9.43 3.04
CA ALA A 198 -18.62 10.26 3.47
C ALA A 198 -18.58 11.45 2.53
N TRP A 199 -18.53 12.66 3.09
CA TRP A 199 -18.52 13.87 2.30
C TRP A 199 -17.40 14.81 2.74
N LEU A 200 -16.43 15.03 1.87
CA LEU A 200 -15.30 15.90 2.19
C LEU A 200 -15.34 17.21 1.42
N PHE A 201 -15.16 18.30 2.16
CA PHE A 201 -15.09 19.64 1.58
C PHE A 201 -13.67 20.10 1.93
N LEU A 202 -12.87 20.40 0.92
CA LEU A 202 -11.50 20.85 1.14
C LEU A 202 -11.25 22.21 0.52
N GLY A 203 -10.99 23.20 1.36
CA GLY A 203 -10.75 24.54 0.89
C GLY A 203 -9.27 24.93 0.93
N VAL A 204 -8.76 25.39 -0.20
CA VAL A 204 -7.37 25.84 -0.32
C VAL A 204 -7.37 27.04 -1.25
N PRO A 205 -6.29 27.83 -1.23
CA PRO A 205 -6.17 29.03 -2.08
C PRO A 205 -5.96 28.81 -3.58
N THR A 206 -5.08 27.89 -3.94
CA THR A 206 -4.79 27.61 -5.34
C THR A 206 -4.83 26.11 -5.61
N SER A 207 -5.02 25.73 -6.87
CA SER A 207 -5.08 24.31 -7.19
C SER A 207 -3.71 23.66 -7.02
N ASP A 208 -2.68 24.47 -6.83
CA ASP A 208 -1.33 23.97 -6.61
C ASP A 208 -1.20 23.46 -5.17
N THR A 209 -2.17 23.81 -4.34
CA THR A 209 -2.17 23.42 -2.93
C THR A 209 -3.31 22.48 -2.54
N LEU A 210 -3.81 21.72 -3.52
CA LEU A 210 -4.89 20.77 -3.34
C LEU A 210 -4.32 19.45 -2.80
N LEU A 211 -3.98 19.44 -1.52
CA LEU A 211 -3.39 18.27 -0.86
C LEU A 211 -4.07 16.92 -1.11
N TYR A 212 -3.28 15.93 -1.51
CA TYR A 212 -3.72 14.56 -1.78
C TYR A 212 -4.79 14.44 -2.87
N LYS A 213 -4.81 15.40 -3.78
CA LYS A 213 -5.78 15.39 -4.87
C LYS A 213 -5.91 14.01 -5.53
N GLU A 214 -4.79 13.47 -5.98
CA GLU A 214 -4.76 12.16 -6.64
C GLU A 214 -5.36 11.05 -5.78
N GLU A 215 -4.93 10.98 -4.52
CA GLU A 215 -5.43 9.96 -3.61
C GLU A 215 -6.94 10.07 -3.44
N LEU A 216 -7.41 11.28 -3.18
CA LEU A 216 -8.83 11.54 -2.97
C LEU A 216 -9.67 11.17 -4.20
N GLU A 217 -9.19 11.53 -5.38
CA GLU A 217 -9.92 11.22 -6.60
C GLU A 217 -9.90 9.71 -6.85
N LYS A 218 -8.89 9.03 -6.32
CA LYS A 218 -8.83 7.58 -6.49
C LYS A 218 -9.87 6.93 -5.59
N MET A 219 -10.08 7.51 -4.41
CA MET A 219 -11.08 6.99 -3.48
C MET A 219 -12.45 7.18 -4.10
N LYS A 220 -12.65 8.34 -4.73
CA LYS A 220 -13.91 8.66 -5.37
C LYS A 220 -14.19 7.67 -6.49
N GLU A 221 -13.13 7.21 -7.14
CA GLU A 221 -13.27 6.23 -8.22
C GLU A 221 -13.69 4.86 -7.73
N MET A 222 -13.19 4.43 -6.57
CA MET A 222 -13.57 3.11 -6.07
C MET A 222 -14.81 3.08 -5.17
N ALA A 223 -15.24 4.24 -4.67
CA ALA A 223 -16.43 4.31 -3.83
C ALA A 223 -17.25 5.51 -4.35
N PRO A 224 -17.66 5.46 -5.62
CA PRO A 224 -18.44 6.53 -6.24
C PRO A 224 -19.75 6.94 -5.57
N ASP A 225 -20.51 5.98 -5.06
CA ASP A 225 -21.79 6.31 -4.43
C ASP A 225 -21.70 6.57 -2.92
N ASN A 226 -20.55 6.28 -2.33
CA ASN A 226 -20.36 6.47 -0.89
C ASN A 226 -19.41 7.60 -0.50
N PHE A 227 -18.76 8.21 -1.48
CA PHE A 227 -17.85 9.30 -1.18
C PHE A 227 -18.07 10.49 -2.08
N ARG A 228 -18.35 11.64 -1.47
CA ARG A 228 -18.53 12.87 -2.24
C ARG A 228 -17.34 13.75 -1.94
N LEU A 229 -16.78 14.33 -3.00
CA LEU A 229 -15.60 15.15 -2.86
C LEU A 229 -15.75 16.52 -3.50
N ASP A 230 -15.71 17.56 -2.67
CA ASP A 230 -15.86 18.92 -3.15
C ASP A 230 -14.67 19.80 -2.78
N PHE A 231 -13.96 20.28 -3.80
CA PHE A 231 -12.81 21.16 -3.60
C PHE A 231 -13.31 22.59 -3.72
N ALA A 232 -12.70 23.49 -2.95
CA ALA A 232 -13.04 24.90 -2.99
C ALA A 232 -11.74 25.67 -3.11
N VAL A 233 -11.42 26.12 -4.33
CA VAL A 233 -10.18 26.85 -4.59
C VAL A 233 -10.57 28.33 -4.72
N SER A 234 -10.50 29.05 -3.59
CA SER A 234 -10.91 30.45 -3.52
C SER A 234 -10.32 31.43 -4.52
N ARG A 235 -9.05 31.26 -4.87
CA ARG A 235 -8.42 32.19 -5.81
C ARG A 235 -8.66 31.86 -7.27
N GLU A 236 -9.18 30.66 -7.55
CA GLU A 236 -9.40 30.24 -8.93
C GLU A 236 -10.85 29.94 -9.31
N GLN A 237 -11.71 29.64 -8.33
CA GLN A 237 -13.10 29.31 -8.64
C GLN A 237 -14.07 30.30 -8.03
N THR A 238 -15.24 30.44 -8.67
CA THR A 238 -16.28 31.31 -8.16
C THR A 238 -17.58 30.56 -8.38
N ASN A 239 -18.64 30.92 -7.66
CA ASN A 239 -19.92 30.27 -7.87
C ASN A 239 -20.57 31.00 -9.06
N ALA A 240 -21.83 30.67 -9.33
CA ALA A 240 -22.53 31.29 -10.45
C ALA A 240 -22.62 32.81 -10.32
N ALA A 241 -22.67 33.30 -9.09
CA ALA A 241 -22.76 34.72 -8.82
C ALA A 241 -21.41 35.45 -8.93
N GLY A 242 -20.33 34.69 -9.11
CA GLY A 242 -19.03 35.30 -9.23
C GLY A 242 -18.29 35.46 -7.92
N GLU A 243 -18.86 34.91 -6.84
CA GLU A 243 -18.24 34.99 -5.52
C GLU A 243 -17.11 33.97 -5.38
N LYS A 244 -16.02 34.37 -4.71
CA LYS A 244 -14.87 33.49 -4.51
C LYS A 244 -15.29 32.20 -3.83
N MET A 245 -14.76 31.08 -4.29
CA MET A 245 -15.14 29.78 -3.73
C MET A 245 -14.41 29.38 -2.46
N TYR A 246 -14.82 29.94 -1.33
CA TYR A 246 -14.26 29.57 -0.04
C TYR A 246 -15.00 28.28 0.32
N ILE A 247 -14.58 27.61 1.39
CA ILE A 247 -15.23 26.36 1.76
C ILE A 247 -16.72 26.53 2.02
N GLN A 248 -17.11 27.60 2.71
CA GLN A 248 -18.52 27.82 3.00
C GLN A 248 -19.30 28.13 1.72
N THR A 249 -18.61 28.70 0.73
CA THR A 249 -19.24 29.05 -0.55
C THR A 249 -19.59 27.78 -1.31
N ARG A 250 -18.71 26.79 -1.26
CA ARG A 250 -18.93 25.52 -1.92
C ARG A 250 -20.04 24.77 -1.18
N MET A 251 -20.03 24.85 0.14
CA MET A 251 -21.03 24.19 0.96
C MET A 251 -22.42 24.73 0.58
N ALA A 252 -22.50 26.04 0.36
CA ALA A 252 -23.73 26.71 0.00
C ALA A 252 -24.35 26.17 -1.28
N GLU A 253 -23.54 25.55 -2.13
CA GLU A 253 -24.05 24.97 -3.37
C GLU A 253 -24.91 23.74 -3.05
N TYR A 254 -24.84 23.27 -1.81
CA TYR A 254 -25.58 22.08 -1.36
C TYR A 254 -26.35 22.37 -0.08
N LYS A 255 -26.69 23.63 0.15
CA LYS A 255 -27.38 24.01 1.39
C LYS A 255 -28.57 23.16 1.80
N GLU A 256 -29.49 22.88 0.87
CA GLU A 256 -30.67 22.07 1.21
C GLU A 256 -30.26 20.65 1.67
N GLU A 257 -29.36 20.02 0.94
CA GLU A 257 -28.90 18.68 1.30
C GLU A 257 -28.24 18.65 2.68
N LEU A 258 -27.28 19.54 2.88
CA LEU A 258 -26.55 19.60 4.14
C LEU A 258 -27.44 19.80 5.35
N TRP A 259 -28.35 20.75 5.27
CA TRP A 259 -29.25 21.04 6.40
C TRP A 259 -30.09 19.80 6.72
N GLU A 260 -30.58 19.15 5.68
CA GLU A 260 -31.38 17.95 5.87
C GLU A 260 -30.56 16.88 6.60
N LEU A 261 -29.30 16.73 6.20
CA LEU A 261 -28.42 15.75 6.84
C LEU A 261 -28.10 16.13 8.29
N LEU A 262 -27.98 17.42 8.55
CA LEU A 262 -27.66 17.88 9.90
C LEU A 262 -28.78 17.58 10.90
N LYS A 263 -29.94 17.17 10.39
CA LYS A 263 -31.08 16.85 11.25
C LYS A 263 -31.18 15.34 11.53
N LYS A 264 -30.31 14.57 10.93
CA LYS A 264 -30.33 13.12 11.12
C LYS A 264 -29.41 12.72 12.27
N ASP A 265 -29.86 11.76 13.07
CA ASP A 265 -29.08 11.31 14.22
C ASP A 265 -27.77 10.58 13.91
N ASN A 266 -27.64 10.05 12.70
CA ASN A 266 -26.41 9.35 12.35
C ASN A 266 -25.45 10.20 11.52
N THR A 267 -25.62 11.53 11.58
CA THR A 267 -24.76 12.45 10.86
C THR A 267 -23.73 13.06 11.82
N TYR A 268 -22.45 12.96 11.44
CA TYR A 268 -21.38 13.50 12.28
C TYR A 268 -20.54 14.47 11.48
N VAL A 269 -20.35 15.67 12.03
CA VAL A 269 -19.57 16.68 11.33
C VAL A 269 -18.24 16.92 12.02
N TYR A 270 -17.17 16.93 11.22
CA TYR A 270 -15.83 17.17 11.72
C TYR A 270 -15.24 18.36 10.97
N MET A 271 -14.52 19.22 11.69
CA MET A 271 -13.90 20.40 11.09
C MET A 271 -12.44 20.50 11.55
N CYS A 272 -11.53 20.65 10.60
CA CYS A 272 -10.12 20.73 10.92
C CYS A 272 -9.40 21.70 9.99
N GLY A 273 -8.46 22.46 10.54
CA GLY A 273 -7.72 23.41 9.74
C GLY A 273 -7.46 24.75 10.40
N LEU A 274 -7.34 25.78 9.57
CA LEU A 274 -7.06 27.13 10.03
C LEU A 274 -8.18 27.73 10.86
N LYS A 275 -7.84 28.20 12.06
CA LYS A 275 -8.85 28.81 12.91
C LYS A 275 -9.42 29.96 12.10
N GLY A 276 -10.71 30.18 12.20
CA GLY A 276 -11.29 31.27 11.42
C GLY A 276 -12.12 30.72 10.28
N MET A 277 -11.89 29.46 9.94
CA MET A 277 -12.66 28.83 8.88
C MET A 277 -14.06 28.61 9.48
N GLU A 278 -14.12 28.57 10.81
CA GLU A 278 -15.37 28.35 11.54
C GLU A 278 -16.44 29.40 11.29
N LYS A 279 -16.02 30.66 11.28
CA LYS A 279 -16.96 31.77 11.09
C LYS A 279 -17.77 31.68 9.81
N GLY A 280 -17.08 31.55 8.67
CA GLY A 280 -17.78 31.46 7.40
C GLY A 280 -18.74 30.29 7.37
N ILE A 281 -18.34 29.18 7.98
CA ILE A 281 -19.19 28.00 8.03
C ILE A 281 -20.44 28.27 8.87
N ASP A 282 -20.26 28.98 9.99
CA ASP A 282 -21.40 29.32 10.86
C ASP A 282 -22.36 30.25 10.11
N ASP A 283 -21.79 31.19 9.36
CA ASP A 283 -22.63 32.12 8.61
C ASP A 283 -23.63 31.41 7.70
N ILE A 284 -23.18 30.42 6.93
CA ILE A 284 -24.13 29.73 6.06
C ILE A 284 -25.09 28.85 6.86
N MET A 285 -24.63 28.35 8.01
CA MET A 285 -25.49 27.52 8.85
C MET A 285 -26.55 28.41 9.50
N LEU A 286 -26.16 29.62 9.90
CA LEU A 286 -27.12 30.55 10.50
C LEU A 286 -28.28 30.74 9.53
N ASP A 287 -27.96 30.97 8.26
CA ASP A 287 -28.99 31.17 7.24
C ASP A 287 -29.92 29.96 7.12
N LEU A 288 -29.33 28.79 6.92
CA LEU A 288 -30.09 27.55 6.78
C LEU A 288 -31.03 27.26 7.95
N ALA A 289 -30.49 27.32 9.17
CA ALA A 289 -31.29 27.06 10.37
C ALA A 289 -32.44 28.06 10.50
N ALA A 290 -32.12 29.34 10.35
CA ALA A 290 -33.10 30.42 10.47
C ALA A 290 -34.28 30.23 9.53
N LYS A 291 -34.00 29.92 8.27
CA LYS A 291 -35.07 29.71 7.30
C LYS A 291 -35.98 28.61 7.82
N ASP A 292 -35.40 27.74 8.64
CA ASP A 292 -36.14 26.61 9.21
C ASP A 292 -36.69 26.93 10.60
N GLY A 293 -36.64 28.19 11.00
CA GLY A 293 -37.15 28.61 12.30
C GLY A 293 -36.29 28.20 13.48
N ILE A 294 -35.05 27.81 13.20
CA ILE A 294 -34.13 27.36 14.23
C ILE A 294 -32.94 28.30 14.46
N ASN A 295 -32.49 28.36 15.70
CA ASN A 295 -31.34 29.18 16.09
C ASN A 295 -30.11 28.29 15.97
N TRP A 296 -29.26 28.54 14.98
CA TRP A 296 -28.08 27.73 14.77
C TRP A 296 -27.12 27.67 15.96
N LEU A 297 -26.94 28.79 16.66
CA LEU A 297 -26.03 28.82 17.79
C LEU A 297 -26.44 27.79 18.83
N ASP A 298 -27.74 27.65 19.07
CA ASP A 298 -28.22 26.68 20.05
C ASP A 298 -28.07 25.27 19.50
N TYR A 299 -28.50 25.06 18.25
CA TYR A 299 -28.42 23.74 17.65
C TYR A 299 -26.99 23.21 17.62
N LYS A 300 -26.04 24.10 17.35
CA LYS A 300 -24.63 23.69 17.32
C LYS A 300 -24.18 23.23 18.70
N LYS A 301 -24.66 23.89 19.75
CA LYS A 301 -24.30 23.50 21.10
C LYS A 301 -24.80 22.08 21.36
N GLN A 302 -26.01 21.80 20.88
CA GLN A 302 -26.60 20.48 21.06
C GLN A 302 -25.81 19.42 20.27
N LEU A 303 -25.45 19.73 19.03
CA LEU A 303 -24.71 18.80 18.21
C LEU A 303 -23.33 18.52 18.83
N LYS A 304 -22.73 19.52 19.45
CA LYS A 304 -21.43 19.33 20.10
C LYS A 304 -21.60 18.37 21.25
N LYS A 305 -22.64 18.59 22.05
CA LYS A 305 -22.94 17.73 23.20
C LYS A 305 -23.28 16.31 22.78
N SER A 306 -23.92 16.14 21.62
CA SER A 306 -24.27 14.81 21.16
C SER A 306 -23.17 14.21 20.30
N GLU A 307 -21.99 14.82 20.35
CA GLU A 307 -20.80 14.38 19.63
C GLU A 307 -20.94 14.37 18.10
N GLN A 308 -21.78 15.25 17.56
CA GLN A 308 -21.99 15.30 16.12
C GLN A 308 -21.40 16.53 15.44
N TRP A 309 -20.69 17.33 16.20
CA TRP A 309 -20.04 18.52 15.67
C TRP A 309 -18.71 18.55 16.39
N ASN A 310 -17.66 18.13 15.69
CA ASN A 310 -16.33 18.03 16.26
C ASN A 310 -15.36 18.95 15.56
N VAL A 311 -14.69 19.79 16.34
CA VAL A 311 -13.79 20.79 15.79
C VAL A 311 -12.35 20.76 16.31
N GLU A 312 -11.41 20.91 15.39
CA GLU A 312 -9.98 20.94 15.74
C GLU A 312 -9.31 21.94 14.81
N VAL A 313 -9.30 23.22 15.21
CA VAL A 313 -8.69 24.25 14.39
C VAL A 313 -7.50 24.90 15.11
N TYR A 314 -6.58 25.45 14.34
CA TYR A 314 -5.37 26.04 14.89
C TYR A 314 -4.81 27.18 14.03
N SER B 20 9.36 -12.17 -30.90
CA SER B 20 8.99 -12.89 -29.64
C SER B 20 7.50 -12.74 -29.33
N LYS B 21 6.90 -13.79 -28.77
CA LYS B 21 5.48 -13.74 -28.42
C LYS B 21 5.29 -13.22 -27.00
N LYS B 22 6.40 -12.88 -26.35
CA LYS B 22 6.38 -12.35 -24.99
C LYS B 22 6.58 -10.84 -25.05
N GLN B 23 6.25 -10.15 -23.96
CA GLN B 23 6.38 -8.70 -23.92
C GLN B 23 7.82 -8.23 -23.68
N GLU B 24 8.62 -8.23 -24.74
CA GLU B 24 10.02 -7.82 -24.66
C GLU B 24 10.27 -6.41 -25.20
N GLU B 25 9.22 -5.78 -25.72
CA GLU B 25 9.32 -4.44 -26.29
C GLU B 25 9.91 -3.42 -25.31
N GLY B 26 11.12 -2.94 -25.62
CA GLY B 26 11.78 -1.98 -24.76
C GLY B 26 12.24 -2.57 -23.45
N LEU B 27 12.50 -3.87 -23.46
CA LEU B 27 12.94 -4.56 -22.25
C LEU B 27 14.29 -4.01 -21.81
N VAL B 28 14.47 -3.89 -20.49
CA VAL B 28 15.74 -3.40 -19.96
C VAL B 28 16.33 -4.49 -19.05
N THR B 29 17.62 -4.74 -19.23
CA THR B 29 18.30 -5.74 -18.42
C THR B 29 19.67 -5.26 -17.99
N ASN B 30 20.10 -5.70 -16.81
CA ASN B 30 21.40 -5.35 -16.26
C ASN B 30 21.73 -3.87 -16.24
N LYS B 31 20.78 -3.02 -15.91
CA LYS B 31 21.05 -1.58 -15.83
C LYS B 31 22.03 -1.36 -14.69
N TYR B 32 21.83 -2.09 -13.60
CA TYR B 32 22.71 -2.01 -12.44
C TYR B 32 23.45 -3.33 -12.30
N LYS B 33 24.77 -3.24 -12.15
CA LYS B 33 25.60 -4.43 -12.03
C LYS B 33 26.22 -4.51 -10.64
N PRO B 34 26.82 -5.66 -10.30
CA PRO B 34 27.44 -5.90 -9.00
C PRO B 34 28.43 -4.82 -8.57
N LYS B 35 29.10 -4.23 -9.55
CA LYS B 35 30.08 -3.19 -9.25
C LYS B 35 29.47 -1.89 -8.75
N GLU B 36 28.45 -1.41 -9.46
CA GLU B 36 27.77 -0.18 -9.08
C GLU B 36 26.27 -0.47 -9.01
N PRO B 37 25.84 -1.11 -7.92
CA PRO B 37 24.42 -1.45 -7.73
C PRO B 37 23.56 -0.29 -7.26
N TYR B 38 22.25 -0.40 -7.49
CA TYR B 38 21.33 0.62 -7.05
C TYR B 38 21.14 0.40 -5.55
N VAL B 39 21.11 1.49 -4.79
CA VAL B 39 20.92 1.36 -3.35
C VAL B 39 19.52 1.78 -2.94
N GLY B 40 18.69 0.79 -2.64
CA GLY B 40 17.32 1.08 -2.25
C GLY B 40 17.14 1.09 -0.75
N ARG B 41 15.95 1.49 -0.30
CA ARG B 41 15.64 1.53 1.11
C ARG B 41 14.44 0.65 1.41
N CYS B 42 14.55 -0.17 2.46
CA CYS B 42 13.45 -1.04 2.83
C CYS B 42 12.34 -0.19 3.41
N LEU B 43 11.16 -0.27 2.80
CA LEU B 43 9.99 0.49 3.24
C LEU B 43 9.20 -0.34 4.24
N LEU B 44 9.09 -1.64 3.98
CA LEU B 44 8.40 -2.56 4.88
C LEU B 44 8.85 -4.00 4.62
N ASN B 45 8.64 -4.84 5.62
CA ASN B 45 9.04 -6.24 5.56
C ASN B 45 8.12 -6.97 6.52
N THR B 46 7.12 -7.65 5.96
CA THR B 46 6.12 -8.37 6.74
C THR B 46 6.13 -9.87 6.47
N ARG B 47 6.07 -10.66 7.54
CA ARG B 47 6.05 -12.11 7.37
C ARG B 47 4.68 -12.46 6.84
N ILE B 48 4.62 -13.24 5.77
CA ILE B 48 3.35 -13.60 5.18
C ILE B 48 2.90 -15.03 5.47
N THR B 49 3.71 -15.77 6.22
CA THR B 49 3.34 -17.13 6.58
C THR B 49 2.68 -17.11 7.96
N GLY B 50 1.83 -18.09 8.25
CA GLY B 50 1.15 -18.15 9.53
C GLY B 50 2.06 -18.09 10.75
N ASP B 51 1.51 -17.66 11.87
CA ASP B 51 2.27 -17.54 13.11
C ASP B 51 2.87 -18.87 13.61
N GLN B 52 2.17 -19.96 13.36
CA GLN B 52 2.67 -21.28 13.78
C GLN B 52 3.15 -22.08 12.58
N ALA B 53 3.69 -21.38 11.58
CA ALA B 53 4.19 -22.04 10.39
C ALA B 53 5.60 -22.55 10.61
N PRO B 54 5.89 -23.78 10.17
CA PRO B 54 7.21 -24.41 10.30
C PRO B 54 8.27 -23.73 9.43
N GLY B 55 7.84 -22.73 8.67
CA GLY B 55 8.76 -22.01 7.81
C GLY B 55 8.34 -20.56 7.62
N GLU B 56 9.32 -19.67 7.52
CA GLU B 56 9.04 -18.25 7.35
C GLU B 56 9.30 -17.74 5.94
N THR B 57 8.34 -16.99 5.42
CA THR B 57 8.46 -16.37 4.10
C THR B 57 8.07 -14.92 4.35
N TRP B 58 8.88 -13.99 3.85
CA TRP B 58 8.62 -12.57 4.03
C TRP B 58 8.38 -11.81 2.74
N HIS B 59 7.46 -10.85 2.80
CA HIS B 59 7.16 -9.99 1.67
C HIS B 59 7.78 -8.65 2.02
N MET B 60 8.64 -8.13 1.15
CA MET B 60 9.31 -6.87 1.40
C MET B 60 9.28 -5.92 0.22
N VAL B 61 9.26 -4.63 0.52
CA VAL B 61 9.23 -3.60 -0.51
C VAL B 61 10.39 -2.62 -0.36
N PHE B 62 11.05 -2.32 -1.48
CA PHE B 62 12.17 -1.40 -1.49
C PHE B 62 11.82 -0.20 -2.36
N SER B 63 12.31 0.98 -1.98
CA SER B 63 12.06 2.18 -2.75
C SER B 63 13.09 2.17 -3.87
N THR B 64 12.68 2.59 -5.07
CA THR B 64 13.60 2.63 -6.20
C THR B 64 13.54 3.96 -6.93
N GLU B 65 12.57 4.79 -6.56
CA GLU B 65 12.41 6.09 -7.22
C GLU B 65 12.16 5.85 -8.70
N GLY B 66 11.76 4.63 -9.03
CA GLY B 66 11.49 4.28 -10.42
C GLY B 66 12.75 4.12 -11.25
N GLU B 67 13.90 4.00 -10.58
CA GLU B 67 15.17 3.87 -11.28
C GLU B 67 15.49 2.47 -11.82
N VAL B 68 14.76 1.46 -11.36
CA VAL B 68 14.97 0.09 -11.83
C VAL B 68 13.79 -0.24 -12.75
N PRO B 69 13.98 -0.09 -14.07
CA PRO B 69 12.96 -0.35 -15.10
C PRO B 69 12.66 -1.82 -15.38
N TYR B 70 12.01 -2.48 -14.43
CA TYR B 70 11.66 -3.88 -14.57
C TYR B 70 10.23 -4.04 -15.08
N ARG B 71 9.87 -5.27 -15.40
CA ARG B 71 8.50 -5.56 -15.83
C ARG B 71 8.17 -6.95 -15.31
N GLU B 72 6.89 -7.29 -15.33
CA GLU B 72 6.42 -8.58 -14.83
C GLU B 72 7.26 -9.76 -15.33
N GLY B 73 7.66 -10.62 -14.41
CA GLY B 73 8.43 -11.80 -14.81
C GLY B 73 9.93 -11.71 -14.58
N GLN B 74 10.46 -10.50 -14.45
CA GLN B 74 11.88 -10.33 -14.22
C GLN B 74 12.26 -10.46 -12.75
N SER B 75 13.56 -10.50 -12.50
CA SER B 75 14.06 -10.59 -11.14
C SER B 75 15.14 -9.55 -10.94
N ILE B 76 15.56 -9.38 -9.70
CA ILE B 76 16.63 -8.44 -9.38
C ILE B 76 17.65 -9.18 -8.55
N GLY B 77 18.88 -8.67 -8.54
CA GLY B 77 19.89 -9.29 -7.75
C GLY B 77 19.97 -8.52 -6.45
N VAL B 78 20.39 -9.19 -5.38
CA VAL B 78 20.54 -8.54 -4.10
C VAL B 78 21.88 -8.95 -3.54
N ILE B 79 22.64 -7.98 -3.05
CA ILE B 79 23.95 -8.23 -2.47
C ILE B 79 23.84 -7.99 -0.98
N ALA B 80 23.80 -9.07 -0.20
CA ALA B 80 23.69 -8.95 1.25
C ALA B 80 24.90 -8.20 1.79
N ASP B 81 24.70 -7.42 2.86
CA ASP B 81 25.81 -6.68 3.45
C ASP B 81 26.84 -7.64 4.04
N GLY B 82 27.97 -7.10 4.46
CA GLY B 82 29.00 -7.94 5.05
C GLY B 82 30.01 -8.48 4.05
N GLU B 83 30.71 -9.53 4.46
CA GLU B 83 31.72 -10.17 3.62
C GLU B 83 31.70 -11.68 3.83
N ASP B 84 32.14 -12.41 2.82
CA ASP B 84 32.18 -13.87 2.91
C ASP B 84 33.44 -14.24 3.69
N LYS B 85 33.73 -15.53 3.82
CA LYS B 85 34.90 -15.95 4.57
C LYS B 85 36.22 -15.72 3.84
N ASN B 86 36.24 -14.71 2.98
CA ASN B 86 37.44 -14.35 2.22
C ASN B 86 37.57 -12.84 2.24
N GLY B 87 36.66 -12.17 2.95
CA GLY B 87 36.69 -10.73 3.03
C GLY B 87 36.22 -10.07 1.76
N LYS B 88 35.62 -10.88 0.88
CA LYS B 88 35.11 -10.39 -0.40
C LYS B 88 33.62 -10.08 -0.29
N PRO B 89 33.11 -9.19 -1.16
CA PRO B 89 31.70 -8.83 -1.15
C PRO B 89 30.85 -10.06 -1.48
N HIS B 90 29.75 -10.24 -0.76
CA HIS B 90 28.87 -11.38 -1.01
C HIS B 90 28.42 -11.40 -2.46
N LYS B 91 28.32 -12.60 -3.03
CA LYS B 91 27.87 -12.76 -4.40
C LYS B 91 26.37 -12.47 -4.43
N LEU B 92 25.89 -11.85 -5.50
CA LEU B 92 24.47 -11.53 -5.62
C LEU B 92 23.59 -12.77 -5.70
N ARG B 93 22.39 -12.66 -5.14
CA ARG B 93 21.41 -13.75 -5.18
C ARG B 93 20.21 -13.19 -5.94
N LEU B 94 19.63 -14.01 -6.82
CA LEU B 94 18.49 -13.54 -7.60
C LEU B 94 17.16 -13.79 -6.90
N TYR B 95 16.19 -12.91 -7.17
CA TYR B 95 14.87 -13.00 -6.57
C TYR B 95 13.83 -12.49 -7.56
N SER B 96 12.87 -13.35 -7.89
CA SER B 96 11.81 -12.96 -8.81
C SER B 96 11.10 -11.77 -8.20
N ILE B 97 10.69 -10.82 -9.04
CA ILE B 97 9.99 -9.64 -8.53
C ILE B 97 8.55 -10.05 -8.28
N ALA B 98 8.10 -9.87 -7.05
CA ALA B 98 6.74 -10.25 -6.66
C ALA B 98 5.71 -9.16 -6.90
N SER B 99 6.16 -8.03 -7.41
CA SER B 99 5.26 -6.91 -7.69
C SER B 99 5.15 -6.62 -9.18
N SER B 100 3.99 -6.11 -9.60
CA SER B 100 3.79 -5.76 -11.00
C SER B 100 4.62 -4.49 -11.22
N ALA B 101 4.72 -4.03 -12.46
CA ALA B 101 5.49 -2.83 -12.77
C ALA B 101 4.96 -1.65 -11.96
N LEU B 102 3.65 -1.44 -11.96
CA LEU B 102 3.05 -0.34 -11.19
C LEU B 102 3.42 -0.49 -9.72
N GLY B 103 3.52 -1.74 -9.26
CA GLY B 103 3.92 -1.98 -7.87
C GLY B 103 2.86 -1.97 -6.79
N ASP B 104 3.27 -2.35 -5.59
CA ASP B 104 2.36 -2.40 -4.45
C ASP B 104 1.78 -1.03 -4.13
N PHE B 105 2.49 0.02 -4.51
CA PHE B 105 2.00 1.38 -4.26
C PHE B 105 1.37 1.97 -5.53
N GLY B 106 1.38 1.20 -6.61
CA GLY B 106 0.80 1.65 -7.85
C GLY B 106 1.41 2.88 -8.50
N ASP B 107 2.60 3.26 -8.06
CA ASP B 107 3.27 4.45 -8.61
C ASP B 107 4.54 4.15 -9.39
N SER B 108 4.81 2.87 -9.62
CA SER B 108 6.00 2.46 -10.35
C SER B 108 7.28 3.01 -9.71
N LYS B 109 7.28 3.11 -8.38
CA LYS B 109 8.46 3.62 -7.68
C LYS B 109 9.06 2.69 -6.64
N THR B 110 8.58 1.45 -6.58
CA THR B 110 9.11 0.47 -5.64
C THR B 110 9.25 -0.89 -6.32
N VAL B 111 9.84 -1.84 -5.60
CA VAL B 111 10.01 -3.19 -6.08
C VAL B 111 9.80 -4.11 -4.88
N SER B 112 9.06 -5.21 -5.08
CA SER B 112 8.78 -6.13 -3.97
C SER B 112 9.34 -7.53 -4.19
N LEU B 113 9.69 -8.18 -3.08
CA LEU B 113 10.23 -9.54 -3.11
C LEU B 113 9.47 -10.45 -2.15
N CYS B 114 9.45 -11.73 -2.48
CA CYS B 114 8.81 -12.76 -1.68
C CYS B 114 9.95 -13.69 -1.32
N VAL B 115 10.44 -13.58 -0.09
CA VAL B 115 11.60 -14.35 0.36
C VAL B 115 11.39 -15.37 1.47
N LYS B 116 11.85 -16.58 1.21
CA LYS B 116 11.77 -17.67 2.17
C LYS B 116 13.08 -17.70 2.96
N ARG B 117 12.96 -17.71 4.29
CA ARG B 117 14.13 -17.74 5.15
C ARG B 117 14.73 -19.15 5.05
N LEU B 118 15.90 -19.26 4.42
CA LEU B 118 16.55 -20.56 4.25
C LEU B 118 17.44 -21.03 5.39
N VAL B 119 17.19 -22.26 5.84
CA VAL B 119 17.95 -22.89 6.89
C VAL B 119 18.08 -24.35 6.50
N TYR B 120 19.31 -24.85 6.40
CA TYR B 120 19.53 -26.25 6.02
C TYR B 120 20.61 -26.90 6.86
N THR B 121 20.89 -28.17 6.56
CA THR B 121 21.90 -28.94 7.27
C THR B 121 23.00 -29.34 6.29
N ASN B 122 24.23 -28.91 6.54
CA ASN B 122 25.34 -29.25 5.68
C ASN B 122 25.75 -30.70 5.91
N ASP B 123 26.62 -31.22 5.06
CA ASP B 123 27.06 -32.61 5.20
C ASP B 123 27.88 -32.86 6.46
N GLN B 124 28.11 -31.79 7.24
CA GLN B 124 28.85 -31.92 8.48
C GLN B 124 27.83 -32.07 9.62
N GLY B 125 26.56 -32.09 9.25
CA GLY B 125 25.50 -32.22 10.22
C GLY B 125 25.18 -30.91 10.90
N GLU B 126 25.82 -29.85 10.43
CA GLU B 126 25.61 -28.52 10.99
C GLU B 126 24.43 -27.84 10.29
N VAL B 127 23.57 -27.21 11.08
CA VAL B 127 22.42 -26.52 10.53
C VAL B 127 22.79 -25.05 10.33
N VAL B 128 23.02 -24.67 9.09
CA VAL B 128 23.39 -23.31 8.73
C VAL B 128 22.26 -22.57 8.03
N LYS B 129 22.23 -21.26 8.18
CA LYS B 129 21.20 -20.44 7.58
C LYS B 129 21.72 -19.72 6.33
N GLY B 130 20.85 -19.62 5.32
CA GLY B 130 21.22 -18.96 4.08
C GLY B 130 21.67 -17.53 4.31
N VAL B 131 22.71 -17.12 3.59
CA VAL B 131 23.27 -15.78 3.73
C VAL B 131 22.35 -14.64 3.32
N CYS B 132 21.93 -14.64 2.07
CA CYS B 132 21.08 -13.56 1.58
C CYS B 132 19.62 -13.60 2.01
N SER B 133 19.04 -14.80 2.09
CA SER B 133 17.65 -14.91 2.49
C SER B 133 17.44 -14.44 3.94
N ASN B 134 18.39 -14.75 4.81
CA ASN B 134 18.29 -14.35 6.21
C ASN B 134 18.59 -12.86 6.35
N PHE B 135 19.51 -12.36 5.55
CA PHE B 135 19.86 -10.94 5.55
C PHE B 135 18.57 -10.19 5.20
N LEU B 136 17.95 -10.62 4.11
CA LEU B 136 16.73 -9.99 3.62
C LEU B 136 15.56 -10.08 4.61
N CYS B 137 15.34 -11.25 5.18
CA CYS B 137 14.25 -11.42 6.12
C CYS B 137 14.47 -10.71 7.44
N ASP B 138 15.70 -10.31 7.72
CA ASP B 138 15.99 -9.59 8.96
C ASP B 138 15.88 -8.07 8.75
N LEU B 139 15.81 -7.65 7.49
CA LEU B 139 15.73 -6.23 7.17
C LEU B 139 14.67 -5.48 7.96
N LYS B 140 15.03 -4.28 8.41
CA LYS B 140 14.11 -3.43 9.15
C LYS B 140 13.83 -2.20 8.30
N PRO B 141 12.61 -1.65 8.39
CA PRO B 141 12.29 -0.46 7.59
C PRO B 141 13.37 0.61 7.78
N GLY B 142 13.82 1.19 6.68
CA GLY B 142 14.84 2.22 6.74
C GLY B 142 16.22 1.71 6.32
N ALA B 143 16.41 0.39 6.35
CA ALA B 143 17.69 -0.20 5.98
C ALA B 143 17.92 -0.09 4.49
N GLU B 144 19.18 0.05 4.09
CA GLU B 144 19.56 0.15 2.69
C GLU B 144 19.79 -1.25 2.12
N VAL B 145 19.57 -1.41 0.82
CA VAL B 145 19.76 -2.69 0.16
C VAL B 145 20.38 -2.51 -1.22
N LYS B 146 21.46 -3.25 -1.49
CA LYS B 146 22.13 -3.18 -2.78
C LYS B 146 21.42 -4.08 -3.79
N ILE B 147 20.95 -3.49 -4.88
CA ILE B 147 20.21 -4.19 -5.92
C ILE B 147 20.87 -4.10 -7.30
N THR B 148 20.75 -5.19 -8.07
CA THR B 148 21.29 -5.23 -9.43
C THR B 148 20.18 -5.67 -10.39
N GLY B 149 20.36 -5.41 -11.67
CA GLY B 149 19.37 -5.80 -12.66
C GLY B 149 18.65 -4.62 -13.28
N PRO B 150 17.39 -4.80 -13.75
CA PRO B 150 16.63 -6.05 -13.70
C PRO B 150 17.25 -7.16 -14.55
N VAL B 151 16.84 -8.40 -14.28
CA VAL B 151 17.37 -9.57 -14.99
C VAL B 151 16.29 -10.51 -15.50
N GLY B 152 16.56 -11.13 -16.65
CA GLY B 152 15.63 -12.10 -17.21
C GLY B 152 14.69 -11.71 -18.32
N LYS B 153 14.29 -12.71 -19.09
CA LYS B 153 13.34 -12.54 -20.19
C LYS B 153 12.57 -13.84 -20.36
N GLU B 154 12.99 -14.86 -19.62
CA GLU B 154 12.35 -16.18 -19.68
C GLU B 154 10.89 -16.14 -19.22
N MET B 155 10.62 -15.47 -18.11
CA MET B 155 9.28 -15.42 -17.56
C MET B 155 8.43 -14.21 -17.95
N LEU B 156 8.76 -13.55 -19.05
CA LEU B 156 7.97 -12.39 -19.49
C LEU B 156 6.57 -12.83 -19.89
N MET B 157 5.60 -11.95 -19.72
CA MET B 157 4.21 -12.22 -20.05
C MET B 157 3.96 -12.35 -21.55
N PRO B 158 2.87 -13.04 -21.94
CA PRO B 158 2.55 -13.19 -23.36
C PRO B 158 2.00 -11.86 -23.87
N LYS B 159 2.30 -11.52 -25.12
CA LYS B 159 1.77 -10.28 -25.68
C LYS B 159 0.26 -10.43 -25.89
N ASP B 160 -0.15 -11.64 -26.26
CA ASP B 160 -1.56 -11.95 -26.50
C ASP B 160 -2.41 -11.78 -25.23
N PRO B 161 -3.31 -10.78 -25.22
CA PRO B 161 -4.19 -10.49 -24.09
C PRO B 161 -5.30 -11.52 -23.85
N ASN B 162 -5.49 -12.42 -24.81
CA ASN B 162 -6.52 -13.45 -24.68
C ASN B 162 -5.89 -14.82 -24.49
N ALA B 163 -4.58 -14.82 -24.27
CA ALA B 163 -3.83 -16.05 -24.07
C ALA B 163 -4.28 -16.80 -22.83
N THR B 164 -4.25 -18.13 -22.91
CA THR B 164 -4.58 -18.95 -21.76
C THR B 164 -3.24 -19.05 -21.05
N ILE B 165 -3.22 -18.68 -19.77
CA ILE B 165 -1.99 -18.73 -19.01
C ILE B 165 -2.11 -19.68 -17.83
N ILE B 166 -1.35 -20.77 -17.90
CA ILE B 166 -1.32 -21.77 -16.86
C ILE B 166 -0.07 -21.51 -16.05
N MET B 167 -0.25 -21.18 -14.77
CA MET B 167 0.88 -20.88 -13.90
C MET B 167 1.09 -21.99 -12.86
N LEU B 168 2.29 -22.56 -12.85
CA LEU B 168 2.65 -23.65 -11.94
C LEU B 168 3.69 -23.18 -10.93
N ALA B 169 3.30 -23.09 -9.66
CA ALA B 169 4.21 -22.62 -8.64
C ALA B 169 4.25 -23.42 -7.35
N THR B 170 5.43 -23.41 -6.72
CA THR B 170 5.67 -24.06 -5.44
C THR B 170 6.38 -23.01 -4.58
N GLY B 171 5.86 -22.76 -3.38
CA GLY B 171 6.47 -21.80 -2.48
C GLY B 171 6.64 -20.40 -3.07
N THR B 172 7.86 -19.86 -2.94
CA THR B 172 8.15 -18.52 -3.45
C THR B 172 7.99 -18.38 -4.95
N GLY B 173 7.84 -19.52 -5.64
CA GLY B 173 7.66 -19.51 -7.08
C GLY B 173 6.41 -18.75 -7.50
N ILE B 174 5.60 -18.39 -6.50
CA ILE B 174 4.37 -17.65 -6.74
C ILE B 174 4.69 -16.21 -7.12
N ALA B 175 5.90 -15.76 -6.76
CA ALA B 175 6.33 -14.38 -6.99
C ALA B 175 6.04 -13.78 -8.37
N PRO B 176 6.62 -14.35 -9.43
CA PRO B 176 6.35 -13.79 -10.77
C PRO B 176 4.88 -13.80 -11.14
N PHE B 177 4.13 -14.75 -10.59
CA PHE B 177 2.72 -14.84 -10.90
C PHE B 177 1.90 -13.78 -10.17
N ARG B 178 2.36 -13.37 -8.99
CA ARG B 178 1.67 -12.32 -8.27
C ARG B 178 1.84 -11.08 -9.14
N SER B 179 3.03 -10.93 -9.69
CA SER B 179 3.36 -9.81 -10.58
C SER B 179 2.44 -9.81 -11.80
N PHE B 180 2.33 -10.98 -12.45
CA PHE B 180 1.47 -11.16 -13.61
C PHE B 180 0.03 -10.81 -13.23
N LEU B 181 -0.45 -11.49 -12.20
CA LEU B 181 -1.83 -11.34 -11.74
C LEU B 181 -2.25 -9.94 -11.32
N TRP B 182 -1.34 -9.20 -10.70
CA TRP B 182 -1.66 -7.83 -10.33
C TRP B 182 -1.93 -7.03 -11.60
N LYS B 183 -1.09 -7.21 -12.62
CA LYS B 183 -1.28 -6.48 -13.88
C LYS B 183 -2.51 -6.95 -14.64
N MET B 184 -2.82 -8.24 -14.53
CA MET B 184 -3.97 -8.81 -15.22
C MET B 184 -5.32 -8.50 -14.58
N PHE B 185 -5.40 -8.58 -13.26
CA PHE B 185 -6.68 -8.37 -12.57
C PHE B 185 -6.82 -7.21 -11.59
N PHE B 186 -5.72 -6.70 -11.02
CA PHE B 186 -5.81 -5.60 -10.06
C PHE B 186 -5.56 -4.22 -10.65
N GLU B 187 -5.18 -4.15 -11.93
CA GLU B 187 -4.88 -2.86 -12.54
C GLU B 187 -5.57 -2.66 -13.88
N GLU B 188 -5.64 -1.41 -14.31
CA GLU B 188 -6.26 -1.06 -15.58
C GLU B 188 -5.17 -0.48 -16.47
N HIS B 189 -5.13 -0.94 -17.72
CA HIS B 189 -4.13 -0.49 -18.68
C HIS B 189 -4.81 -0.28 -20.03
N GLU B 190 -4.67 0.92 -20.59
CA GLU B 190 -5.29 1.21 -21.87
C GLU B 190 -4.71 0.37 -22.99
N ASP B 191 -3.49 -0.11 -22.78
CA ASP B 191 -2.82 -0.92 -23.79
C ASP B 191 -2.87 -2.42 -23.52
N TYR B 192 -3.38 -2.80 -22.35
CA TYR B 192 -3.47 -4.22 -22.00
C TYR B 192 -4.73 -4.51 -21.21
N LYS B 193 -5.55 -5.41 -21.75
CA LYS B 193 -6.79 -5.83 -21.12
C LYS B 193 -6.88 -7.36 -21.22
N TYR B 194 -6.57 -8.05 -20.13
CA TYR B 194 -6.59 -9.51 -20.14
C TYR B 194 -7.99 -10.08 -20.26
N THR B 195 -8.19 -10.94 -21.24
CA THR B 195 -9.50 -11.56 -21.46
C THR B 195 -9.42 -13.08 -21.57
N GLY B 196 -8.23 -13.63 -21.39
CA GLY B 196 -8.06 -15.06 -21.49
C GLY B 196 -8.43 -15.84 -20.23
N LEU B 197 -8.02 -17.10 -20.21
CA LEU B 197 -8.25 -17.96 -19.06
C LEU B 197 -6.92 -18.17 -18.34
N ALA B 198 -6.85 -17.73 -17.09
CA ALA B 198 -5.64 -17.89 -16.30
C ALA B 198 -5.91 -18.99 -15.27
N TRP B 199 -4.95 -19.90 -15.10
CA TRP B 199 -5.13 -21.00 -14.17
C TRP B 199 -3.89 -21.16 -13.29
N LEU B 200 -4.02 -20.82 -12.02
CA LEU B 200 -2.91 -20.93 -11.09
C LEU B 200 -2.97 -22.17 -10.21
N PHE B 201 -1.85 -22.87 -10.12
CA PHE B 201 -1.70 -24.03 -9.27
C PHE B 201 -0.56 -23.67 -8.33
N LEU B 202 -0.83 -23.62 -7.03
CA LEU B 202 0.20 -23.28 -6.05
C LEU B 202 0.38 -24.42 -5.05
N GLY B 203 1.60 -24.93 -4.98
CA GLY B 203 1.88 -26.01 -4.07
C GLY B 203 2.71 -25.56 -2.88
N VAL B 204 2.21 -25.85 -1.68
CA VAL B 204 2.90 -25.51 -0.44
C VAL B 204 2.64 -26.66 0.53
N PRO B 205 3.44 -26.75 1.61
CA PRO B 205 3.23 -27.85 2.55
C PRO B 205 2.07 -27.69 3.54
N THR B 206 1.80 -26.46 3.97
CA THR B 206 0.74 -26.22 4.94
C THR B 206 -0.15 -25.02 4.62
N SER B 207 -1.37 -25.04 5.17
CA SER B 207 -2.31 -23.96 4.95
C SER B 207 -1.73 -22.63 5.41
N ASP B 208 -0.91 -22.67 6.45
CA ASP B 208 -0.31 -21.45 6.97
C ASP B 208 0.85 -20.98 6.10
N THR B 209 1.13 -21.71 5.02
CA THR B 209 2.20 -21.30 4.12
C THR B 209 1.69 -21.01 2.71
N LEU B 210 0.37 -20.80 2.60
CA LEU B 210 -0.27 -20.47 1.33
C LEU B 210 -0.08 -18.97 1.05
N LEU B 211 1.05 -18.63 0.46
CA LEU B 211 1.41 -17.25 0.15
C LEU B 211 0.39 -16.46 -0.67
N TYR B 212 0.08 -15.26 -0.19
CA TYR B 212 -0.85 -14.35 -0.86
C TYR B 212 -2.26 -14.90 -1.04
N LYS B 213 -2.64 -15.82 -0.18
CA LYS B 213 -3.97 -16.43 -0.25
C LYS B 213 -5.09 -15.42 -0.46
N GLU B 214 -5.16 -14.42 0.41
CA GLU B 214 -6.20 -13.40 0.33
C GLU B 214 -6.23 -12.67 -1.01
N GLU B 215 -5.06 -12.29 -1.51
CA GLU B 215 -5.00 -11.59 -2.79
C GLU B 215 -5.52 -12.47 -3.92
N LEU B 216 -5.11 -13.73 -3.90
CA LEU B 216 -5.50 -14.69 -4.92
C LEU B 216 -7.00 -14.97 -4.92
N GLU B 217 -7.57 -15.15 -3.73
CA GLU B 217 -8.99 -15.42 -3.63
C GLU B 217 -9.80 -14.20 -4.08
N LYS B 218 -9.25 -13.01 -3.84
CA LYS B 218 -9.92 -11.77 -4.24
C LYS B 218 -9.97 -11.67 -5.77
N MET B 219 -8.89 -12.09 -6.42
CA MET B 219 -8.81 -12.05 -7.88
C MET B 219 -9.88 -12.94 -8.50
N LYS B 220 -10.01 -14.15 -7.96
CA LYS B 220 -10.99 -15.11 -8.45
C LYS B 220 -12.40 -14.55 -8.27
N GLU B 221 -12.57 -13.81 -7.19
CA GLU B 221 -13.85 -13.20 -6.85
C GLU B 221 -14.25 -12.11 -7.85
N MET B 222 -13.29 -11.29 -8.27
CA MET B 222 -13.60 -10.23 -9.21
C MET B 222 -13.42 -10.59 -10.69
N ALA B 223 -12.99 -11.83 -10.95
CA ALA B 223 -12.80 -12.32 -12.32
C ALA B 223 -13.08 -13.82 -12.35
N PRO B 224 -14.25 -14.24 -11.86
CA PRO B 224 -14.63 -15.65 -11.82
C PRO B 224 -14.60 -16.43 -13.13
N ASP B 225 -14.78 -15.74 -14.26
CA ASP B 225 -14.78 -16.43 -15.54
C ASP B 225 -13.42 -16.40 -16.23
N ASN B 226 -12.46 -15.70 -15.63
CA ASN B 226 -11.13 -15.59 -16.23
C ASN B 226 -9.98 -16.12 -15.37
N PHE B 227 -10.27 -16.49 -14.12
CA PHE B 227 -9.23 -16.99 -13.24
C PHE B 227 -9.66 -18.20 -12.43
N ARG B 228 -8.91 -19.29 -12.58
CA ARG B 228 -9.16 -20.52 -11.85
C ARG B 228 -8.02 -20.67 -10.86
N LEU B 229 -8.35 -21.02 -9.62
CA LEU B 229 -7.35 -21.14 -8.58
C LEU B 229 -7.37 -22.49 -7.90
N ASP B 230 -6.20 -23.13 -7.84
CA ASP B 230 -6.09 -24.44 -7.20
C ASP B 230 -4.90 -24.53 -6.26
N PHE B 231 -5.18 -24.92 -5.02
CA PHE B 231 -4.15 -25.07 -4.00
C PHE B 231 -3.85 -26.54 -3.76
N ALA B 232 -2.58 -26.82 -3.51
CA ALA B 232 -2.14 -28.18 -3.23
C ALA B 232 -1.31 -28.09 -1.94
N VAL B 233 -1.94 -28.48 -0.83
CA VAL B 233 -1.30 -28.45 0.49
C VAL B 233 -0.90 -29.89 0.80
N SER B 234 0.33 -30.24 0.47
CA SER B 234 0.85 -31.60 0.62
C SER B 234 0.75 -32.30 1.97
N ARG B 235 0.76 -31.55 3.07
CA ARG B 235 0.68 -32.15 4.40
C ARG B 235 -0.73 -32.22 4.97
N GLU B 236 -1.66 -31.53 4.33
CA GLU B 236 -3.03 -31.49 4.81
C GLU B 236 -4.03 -32.15 3.86
N GLN B 237 -3.61 -32.43 2.63
CA GLN B 237 -4.51 -33.04 1.66
C GLN B 237 -3.90 -34.26 0.98
N THR B 238 -4.75 -35.19 0.57
CA THR B 238 -4.32 -36.40 -0.12
C THR B 238 -5.35 -36.74 -1.19
N ASN B 239 -4.91 -37.32 -2.30
CA ASN B 239 -5.84 -37.67 -3.36
C ASN B 239 -6.55 -38.99 -3.03
N ALA B 240 -7.35 -39.49 -3.97
CA ALA B 240 -8.10 -40.73 -3.76
C ALA B 240 -7.22 -41.94 -3.44
N ALA B 241 -5.99 -41.95 -3.92
CA ALA B 241 -5.07 -43.06 -3.67
C ALA B 241 -4.26 -42.92 -2.38
N GLY B 242 -4.53 -41.87 -1.62
CA GLY B 242 -3.81 -41.65 -0.37
C GLY B 242 -2.45 -41.00 -0.57
N GLU B 243 -2.26 -40.37 -1.72
CA GLU B 243 -1.01 -39.70 -2.04
C GLU B 243 -1.02 -38.25 -1.56
N LYS B 244 0.10 -37.80 -0.99
CA LYS B 244 0.21 -36.43 -0.51
C LYS B 244 -0.07 -35.50 -1.69
N MET B 245 -0.82 -34.43 -1.44
CA MET B 245 -1.18 -33.50 -2.50
C MET B 245 -0.10 -32.51 -2.95
N TYR B 246 0.85 -32.99 -3.75
CA TYR B 246 1.87 -32.12 -4.30
C TYR B 246 1.23 -31.43 -5.50
N ILE B 247 1.89 -30.44 -6.07
CA ILE B 247 1.30 -29.73 -7.19
C ILE B 247 0.91 -30.66 -8.34
N GLN B 248 1.80 -31.58 -8.73
CA GLN B 248 1.48 -32.49 -9.83
C GLN B 248 0.29 -33.37 -9.45
N THR B 249 0.14 -33.60 -8.16
CA THR B 249 -0.95 -34.41 -7.64
C THR B 249 -2.28 -33.68 -7.84
N ARG B 250 -2.29 -32.38 -7.55
CA ARG B 250 -3.49 -31.57 -7.74
C ARG B 250 -3.75 -31.47 -9.25
N MET B 251 -2.67 -31.35 -10.02
CA MET B 251 -2.78 -31.25 -11.47
C MET B 251 -3.36 -32.54 -12.07
N ALA B 252 -2.97 -33.68 -11.51
CA ALA B 252 -3.46 -34.97 -11.98
C ALA B 252 -4.98 -35.06 -11.85
N GLU B 253 -5.55 -34.35 -10.88
CA GLU B 253 -7.00 -34.37 -10.72
C GLU B 253 -7.68 -33.69 -11.90
N TYR B 254 -6.92 -32.90 -12.65
CA TYR B 254 -7.43 -32.21 -13.83
C TYR B 254 -6.64 -32.61 -15.07
N LYS B 255 -5.91 -33.73 -14.98
CA LYS B 255 -5.06 -34.16 -16.09
C LYS B 255 -5.68 -34.14 -17.48
N GLU B 256 -6.85 -34.75 -17.63
CA GLU B 256 -7.53 -34.78 -18.92
C GLU B 256 -7.77 -33.36 -19.45
N GLU B 257 -8.32 -32.52 -18.57
CA GLU B 257 -8.63 -31.14 -18.93
C GLU B 257 -7.40 -30.30 -19.21
N LEU B 258 -6.33 -30.50 -18.42
CA LEU B 258 -5.10 -29.74 -18.63
C LEU B 258 -4.43 -30.13 -19.94
N TRP B 259 -4.41 -31.43 -20.24
CA TRP B 259 -3.79 -31.89 -21.46
C TRP B 259 -4.48 -31.29 -22.69
N GLU B 260 -5.81 -31.21 -22.66
CA GLU B 260 -6.54 -30.64 -23.79
C GLU B 260 -6.25 -29.15 -23.93
N LEU B 261 -6.12 -28.46 -22.80
CA LEU B 261 -5.82 -27.02 -22.85
C LEU B 261 -4.40 -26.84 -23.36
N LEU B 262 -3.50 -27.70 -22.91
CA LEU B 262 -2.11 -27.64 -23.30
C LEU B 262 -1.94 -27.75 -24.81
N LYS B 263 -2.80 -28.52 -25.45
CA LYS B 263 -2.72 -28.70 -26.90
C LYS B 263 -3.30 -27.52 -27.69
N LYS B 264 -3.88 -26.55 -26.99
CA LYS B 264 -4.45 -25.36 -27.63
C LYS B 264 -3.33 -24.41 -28.04
N ASP B 265 -3.42 -23.85 -29.25
CA ASP B 265 -2.36 -22.97 -29.72
C ASP B 265 -2.18 -21.66 -28.95
N ASN B 266 -3.18 -21.25 -28.18
CA ASN B 266 -3.02 -20.01 -27.43
C ASN B 266 -2.80 -20.25 -25.93
N THR B 267 -2.32 -21.44 -25.59
CA THR B 267 -2.04 -21.80 -24.19
C THR B 267 -0.55 -21.61 -23.92
N TYR B 268 -0.24 -20.89 -22.85
CA TYR B 268 1.15 -20.63 -22.47
C TYR B 268 1.34 -21.16 -21.04
N VAL B 269 2.38 -21.95 -20.82
CA VAL B 269 2.63 -22.49 -19.49
C VAL B 269 3.87 -21.87 -18.86
N TYR B 270 3.75 -21.49 -17.60
CA TYR B 270 4.86 -20.92 -16.86
C TYR B 270 5.03 -21.74 -15.58
N MET B 271 6.27 -22.01 -15.21
CA MET B 271 6.58 -22.78 -14.02
C MET B 271 7.66 -22.08 -13.19
N CYS B 272 7.41 -21.91 -11.90
CA CYS B 272 8.38 -21.24 -11.03
C CYS B 272 8.35 -21.81 -9.62
N GLY B 273 9.53 -21.91 -8.99
CA GLY B 273 9.60 -22.43 -7.63
C GLY B 273 10.76 -23.38 -7.42
N LEU B 274 10.58 -24.34 -6.52
CA LEU B 274 11.61 -25.33 -6.21
C LEU B 274 11.87 -26.24 -7.41
N LYS B 275 13.14 -26.40 -7.76
CA LYS B 275 13.50 -27.23 -8.91
C LYS B 275 12.93 -28.64 -8.87
N GLY B 276 12.65 -29.15 -7.68
CA GLY B 276 12.08 -30.48 -7.56
C GLY B 276 10.72 -30.64 -8.21
N MET B 277 9.98 -29.54 -8.30
CA MET B 277 8.64 -29.55 -8.91
C MET B 277 8.68 -29.97 -10.38
N GLU B 278 9.77 -29.61 -11.05
CA GLU B 278 9.91 -29.91 -12.47
C GLU B 278 9.81 -31.40 -12.81
N LYS B 279 10.52 -32.23 -12.05
CA LYS B 279 10.50 -33.67 -12.26
C LYS B 279 9.12 -34.24 -11.97
N GLY B 280 8.54 -33.81 -10.85
CA GLY B 280 7.22 -34.29 -10.47
C GLY B 280 6.20 -34.03 -11.55
N ILE B 281 6.26 -32.86 -12.18
CA ILE B 281 5.33 -32.50 -13.24
C ILE B 281 5.61 -33.30 -14.51
N ASP B 282 6.89 -33.50 -14.82
CA ASP B 282 7.22 -34.26 -16.02
C ASP B 282 6.68 -35.69 -15.92
N ASP B 283 6.74 -36.28 -14.73
CA ASP B 283 6.25 -37.64 -14.55
C ASP B 283 4.80 -37.82 -15.02
N ILE B 284 3.92 -36.89 -14.67
CA ILE B 284 2.53 -37.05 -15.11
C ILE B 284 2.37 -36.64 -16.58
N MET B 285 3.18 -35.70 -17.04
CA MET B 285 3.11 -35.26 -18.43
C MET B 285 3.60 -36.37 -19.37
N LEU B 286 4.59 -37.14 -18.91
CA LEU B 286 5.11 -38.25 -19.72
C LEU B 286 3.99 -39.20 -20.13
N ASP B 287 3.20 -39.63 -19.15
CA ASP B 287 2.09 -40.55 -19.41
C ASP B 287 0.98 -39.88 -20.22
N LEU B 288 0.64 -38.65 -19.87
CA LEU B 288 -0.41 -37.94 -20.61
C LEU B 288 -0.09 -37.87 -22.09
N ALA B 289 1.14 -37.46 -22.41
CA ALA B 289 1.58 -37.35 -23.80
C ALA B 289 1.67 -38.73 -24.45
N ALA B 290 2.18 -39.70 -23.69
CA ALA B 290 2.31 -41.06 -24.20
C ALA B 290 0.98 -41.62 -24.68
N LYS B 291 -0.06 -41.44 -23.87
CA LYS B 291 -1.38 -41.94 -24.22
C LYS B 291 -1.90 -41.30 -25.49
N ASP B 292 -1.31 -40.17 -25.85
CA ASP B 292 -1.69 -39.45 -27.07
C ASP B 292 -0.66 -39.72 -28.16
N GLY B 293 0.21 -40.70 -27.93
CA GLY B 293 1.23 -41.05 -28.91
C GLY B 293 2.32 -40.02 -29.07
N ILE B 294 2.62 -39.28 -28.01
CA ILE B 294 3.64 -38.24 -28.07
C ILE B 294 4.74 -38.38 -27.04
N ASN B 295 5.98 -38.09 -27.46
CA ASN B 295 7.12 -38.14 -26.56
C ASN B 295 7.11 -36.80 -25.84
N TRP B 296 6.83 -36.82 -24.54
CA TRP B 296 6.77 -35.58 -23.77
C TRP B 296 8.02 -34.72 -23.86
N LEU B 297 9.18 -35.30 -23.57
CA LEU B 297 10.42 -34.53 -23.62
C LEU B 297 10.62 -33.79 -24.94
N ASP B 298 10.22 -34.39 -26.06
CA ASP B 298 10.35 -33.75 -27.35
C ASP B 298 9.30 -32.65 -27.49
N TYR B 299 8.07 -32.95 -27.08
CA TYR B 299 6.98 -32.00 -27.15
C TYR B 299 7.32 -30.78 -26.29
N LYS B 300 7.89 -31.03 -25.11
CA LYS B 300 8.25 -29.94 -24.21
C LYS B 300 9.27 -29.01 -24.86
N LYS B 301 10.24 -29.59 -25.56
CA LYS B 301 11.25 -28.80 -26.25
C LYS B 301 10.59 -27.90 -27.29
N GLN B 302 9.62 -28.45 -28.01
CA GLN B 302 8.91 -27.68 -29.02
C GLN B 302 8.15 -26.52 -28.39
N LEU B 303 7.41 -26.79 -27.31
CA LEU B 303 6.66 -25.75 -26.64
C LEU B 303 7.62 -24.69 -26.09
N LYS B 304 8.78 -25.12 -25.60
CA LYS B 304 9.75 -24.17 -25.09
C LYS B 304 10.17 -23.22 -26.21
N LYS B 305 10.50 -23.80 -27.36
CA LYS B 305 10.92 -23.00 -28.52
C LYS B 305 9.82 -22.03 -28.93
N SER B 306 8.56 -22.45 -28.82
CA SER B 306 7.44 -21.59 -29.18
C SER B 306 7.07 -20.63 -28.05
N GLU B 307 7.95 -20.55 -27.06
CA GLU B 307 7.77 -19.67 -25.90
C GLU B 307 6.49 -19.95 -25.10
N GLN B 308 6.04 -21.20 -25.13
CA GLN B 308 4.83 -21.56 -24.39
C GLN B 308 5.04 -22.55 -23.24
N TRP B 309 6.29 -22.74 -22.85
CA TRP B 309 6.64 -23.59 -21.71
C TRP B 309 7.87 -22.91 -21.13
N ASN B 310 7.62 -21.98 -20.22
CA ASN B 310 8.65 -21.17 -19.59
C ASN B 310 8.89 -21.61 -18.16
N VAL B 311 10.13 -21.99 -17.88
CA VAL B 311 10.49 -22.49 -16.55
C VAL B 311 11.57 -21.69 -15.83
N GLU B 312 11.38 -21.49 -14.55
CA GLU B 312 12.33 -20.76 -13.72
C GLU B 312 12.30 -21.40 -12.34
N VAL B 313 13.11 -22.45 -12.14
CA VAL B 313 13.16 -23.14 -10.87
C VAL B 313 14.54 -23.04 -10.21
N TYR B 314 14.59 -23.20 -8.89
CA TYR B 314 15.84 -23.07 -8.15
C TYR B 314 15.85 -23.86 -6.85
PA FAD C . 6.80 28.53 15.53
O1A FAD C . 8.29 28.61 15.64
O2A FAD C . 6.04 27.98 16.70
O5B FAD C . 6.26 29.97 15.14
C5B FAD C . 7.07 31.16 15.03
C4B FAD C . 6.26 32.36 15.53
O4B FAD C . 5.08 32.48 14.72
C3B FAD C . 5.80 32.27 17.01
O3B FAD C . 6.21 33.37 17.81
C2B FAD C . 4.28 32.13 16.95
O2B FAD C . 3.53 32.84 17.91
C1B FAD C . 3.89 32.49 15.50
N9A FAD C . 2.98 31.57 14.84
C8A FAD C . 2.76 30.24 15.09
N7A FAD C . 1.87 29.68 14.31
C5A FAD C . 1.47 30.71 13.47
C6A FAD C . 0.53 30.75 12.37
N6A FAD C . -0.17 29.67 11.99
N1A FAD C . 0.36 31.95 11.71
C2A FAD C . 1.08 33.03 12.13
N3A FAD C . 1.98 33.10 13.13
C4A FAD C . 2.13 31.85 13.77
N1 FAD C . 0.38 22.15 11.40
C2 FAD C . 0.54 21.51 10.21
O2 FAD C . 1.32 21.93 9.31
N3 FAD C . -0.15 20.31 9.98
C4 FAD C . -1.06 19.71 10.87
O4 FAD C . -1.63 18.64 10.55
C4X FAD C . -1.24 20.41 12.10
N5 FAD C . -2.15 19.89 13.07
C5X FAD C . -2.29 20.58 14.28
C6 FAD C . -3.20 20.08 15.28
C7 FAD C . -3.39 20.73 16.49
C7M FAD C . -4.38 20.11 17.49
C8 FAD C . -2.69 21.94 16.78
C8M FAD C . -2.85 22.72 18.08
C9 FAD C . -1.78 22.46 15.79
C9A FAD C . -1.56 21.82 14.55
N10 FAD C . -0.64 22.32 13.53
C10 FAD C . -0.49 21.62 12.33
C1' FAD C . 0.16 23.55 13.74
C2' FAD C . 1.54 23.22 14.40
O2' FAD C . 1.32 22.62 15.68
C3' FAD C . 2.42 24.47 14.54
O3' FAD C . 1.70 25.47 15.24
C4' FAD C . 2.88 25.02 13.16
O4' FAD C . 3.45 23.96 12.39
C5' FAD C . 3.92 26.12 13.36
O5' FAD C . 4.94 25.64 14.25
P FAD C . 6.46 26.04 14.05
O1P FAD C . 7.22 25.35 15.10
O2P FAD C . 6.84 25.79 12.63
O3P FAD C . 6.44 27.61 14.29
PA FAD D . 23.21 -19.66 0.62
O1A FAD D . 24.03 -19.34 1.82
O2A FAD D . 23.67 -19.15 -0.69
O5B FAD D . 23.02 -21.24 0.59
C5B FAD D . 22.66 -22.00 -0.57
C4B FAD D . 23.80 -22.96 -0.85
O4B FAD D . 23.66 -24.05 0.07
C3B FAD D . 23.83 -23.55 -2.27
O3B FAD D . 25.06 -23.37 -2.95
C2B FAD D . 23.45 -25.02 -2.12
O2B FAD D . 24.13 -25.96 -2.91
C1B FAD D . 23.59 -25.31 -0.61
N9A FAD D . 22.46 -26.03 -0.02
C8A FAD D . 21.14 -25.66 0.02
N7A FAD D . 20.36 -26.54 0.63
C5A FAD D . 21.23 -27.55 1.02
C6A FAD D . 21.02 -28.78 1.72
N6A FAD D . 19.80 -29.17 2.14
N1A FAD D . 22.11 -29.59 1.97
C2A FAD D . 23.34 -29.17 1.52
N3A FAD D . 23.64 -28.04 0.85
C4A FAD D . 22.50 -27.26 0.63
N1 FAD D . 14.45 -17.36 -3.44
C2 FAD D . 13.36 -16.88 -2.76
O2 FAD D . 13.20 -17.00 -1.51
N3 FAD D . 12.36 -16.20 -3.47
C4 FAD D . 12.36 -15.97 -4.85
O4 FAD D . 11.42 -15.35 -5.38
C4X FAD D . 13.50 -16.49 -5.55
N5 FAD D . 13.59 -16.30 -6.96
C5X FAD D . 14.70 -16.81 -7.63
C6 FAD D . 14.80 -16.64 -9.05
C7 FAD D . 15.90 -17.13 -9.77
C7M FAD D . 15.91 -16.90 -11.29
C8 FAD D . 16.93 -17.82 -9.10
C8M FAD D . 18.14 -18.40 -9.82
C9 FAD D . 16.84 -18.00 -7.67
C9A FAD D . 15.77 -17.51 -6.93
N10 FAD D . 15.65 -17.68 -5.48
C10 FAD D . 14.53 -17.17 -4.81
C1' FAD D . 16.69 -18.37 -4.69
C2' FAD D . 17.78 -17.38 -4.15
O2' FAD D . 18.46 -16.76 -5.24
C3' FAD D . 18.76 -18.09 -3.22
O3' FAD D . 19.31 -19.21 -3.90
C4' FAD D . 18.11 -18.58 -1.90
O4' FAD D . 17.34 -17.51 -1.33
C5' FAD D . 19.19 -19.02 -0.93
O5' FAD D . 20.19 -17.99 -0.83
P FAD D . 20.98 -17.71 0.50
O1P FAD D . 21.94 -16.65 0.22
O2P FAD D . 20.00 -17.49 1.62
O3P FAD D . 21.72 -19.10 0.81
#